data_6K97
#
_entry.id   6K97
#
_cell.length_a   154.632
_cell.length_b   66.564
_cell.length_c   63.013
_cell.angle_alpha   90.00
_cell.angle_beta   90.97
_cell.angle_gamma   90.00
#
_symmetry.space_group_name_H-M   'C 1 2 1'
#
loop_
_entity.id
_entity.type
_entity.pdbx_description
1 polymer 'Fusion DH'
2 non-polymer 'SULFATE ION'
3 water water
#
_entity_poly.entity_id   1
_entity_poly.type   'polypeptide(L)'
_entity_poly.pdbx_seq_one_letter_code
;MNHKVHHHHHHIEGRHMPAPAGDAAGLGLEATEHPLLATATELPDGGYLFTGRLALREHPWLADHTIAGTTIVPGTAFVE
LALHAADIAGCDEITELVLHTPLVLSTQSSSLLQVAVGPADPSGARSLTIRSHGEDVRLWVEHADGSIGPGETAPELPEP
VRVGLVPRGSGMTGSEEAFASADGTDEAWPPPGGDAWDTAGLYARLADRGFQYGETFRGLRAAWSSGEDIYADVEVGAPA
SSPKPEAFHVHPALLDAALHAALGPLLDGEEGLFLPFALRRVRVHHSGAKSLRVHITPDGDKSVSLSAVDAAGNAVVSVG
SVALRPVSSAQLAAAAGRNG
;
_entity_poly.pdbx_strand_id   A,B
#
# COMPACT_ATOMS: atom_id res chain seq x y z
N ALA A 24 -10.60 -1.88 -6.53
CA ALA A 24 -9.09 -1.71 -6.37
C ALA A 24 -8.53 -0.52 -7.14
N ALA A 25 -8.71 -0.52 -8.43
CA ALA A 25 -8.52 0.69 -9.18
C ALA A 25 -9.34 1.83 -8.52
N GLY A 26 -10.53 1.55 -7.99
CA GLY A 26 -11.40 2.62 -7.44
C GLY A 26 -10.77 3.30 -6.27
N LEU A 27 -9.82 2.61 -5.61
CA LEU A 27 -9.11 3.20 -4.50
C LEU A 27 -7.70 3.72 -4.82
N GLY A 28 -7.30 3.59 -6.08
CA GLY A 28 -5.99 4.02 -6.52
C GLY A 28 -4.94 2.94 -6.50
N LEU A 29 -5.32 1.67 -6.35
CA LEU A 29 -4.35 0.53 -6.30
C LEU A 29 -4.43 -0.45 -7.44
N GLU A 30 -3.36 -1.21 -7.62
CA GLU A 30 -3.27 -2.25 -8.63
C GLU A 30 -3.69 -3.56 -7.97
N ALA A 31 -4.53 -4.34 -8.67
CA ALA A 31 -5.00 -5.62 -8.17
C ALA A 31 -3.93 -6.68 -8.35
N THR A 32 -4.05 -7.78 -7.57
CA THR A 32 -3.26 -8.98 -7.78
C THR A 32 -4.21 -10.17 -7.84
N GLU A 33 -3.84 -11.25 -8.49
CA GLU A 33 -4.69 -12.48 -8.49
C GLU A 33 -4.12 -13.45 -7.47
N HIS A 34 -4.80 -13.58 -6.34
CA HIS A 34 -4.44 -14.60 -5.34
C HIS A 34 -5.61 -14.83 -4.45
N PRO A 35 -5.78 -16.03 -3.90
CA PRO A 35 -6.92 -16.26 -3.01
C PRO A 35 -6.95 -15.49 -1.66
N LEU A 36 -5.82 -15.04 -1.14
CA LEU A 36 -5.73 -14.28 0.13
C LEU A 36 -5.32 -12.79 0.02
N LEU A 37 -4.98 -12.31 -1.17
CA LEU A 37 -4.56 -10.92 -1.35
C LEU A 37 -5.37 -10.31 -2.48
N ALA A 38 -5.81 -9.08 -2.28
CA ALA A 38 -6.53 -8.31 -3.29
C ALA A 38 -5.62 -7.33 -4.12
N THR A 39 -4.59 -6.74 -3.52
CA THR A 39 -3.77 -5.68 -4.16
C THR A 39 -2.26 -5.96 -4.14
N ALA A 40 -1.53 -5.30 -5.03
CA ALA A 40 -0.05 -5.30 -5.08
C ALA A 40 0.45 -3.98 -5.61
N THR A 41 1.35 -3.29 -4.93
CA THR A 41 1.85 -2.08 -5.49
C THR A 41 3.32 -1.96 -5.27
N GLU A 42 4.02 -1.41 -6.25
CA GLU A 42 5.46 -1.20 -6.14
C GLU A 42 5.54 0.19 -5.63
N LEU A 43 6.39 0.43 -4.64
CA LEU A 43 6.47 1.75 -4.02
C LEU A 43 7.66 2.42 -4.63
N PRO A 44 7.70 3.75 -4.59
CA PRO A 44 8.81 4.46 -5.24
C PRO A 44 10.21 3.98 -4.84
N ASP A 45 10.38 3.47 -3.63
CA ASP A 45 11.71 3.08 -3.19
C ASP A 45 12.12 1.68 -3.71
N GLY A 46 11.25 1.03 -4.51
CA GLY A 46 11.48 -0.30 -5.09
C GLY A 46 10.90 -1.45 -4.25
N GLY A 47 10.25 -1.10 -3.13
CA GLY A 47 9.62 -2.07 -2.25
C GLY A 47 8.23 -2.38 -2.74
N TYR A 48 7.56 -3.33 -2.11
CA TYR A 48 6.18 -3.68 -2.50
C TYR A 48 5.24 -3.72 -1.29
N LEU A 49 3.94 -3.50 -1.53
CA LEU A 49 2.91 -3.68 -0.48
C LEU A 49 1.82 -4.58 -1.07
N PHE A 50 1.43 -5.62 -0.36
CA PHE A 50 0.26 -6.43 -0.75
C PHE A 50 -0.79 -6.40 0.35
N THR A 51 -2.07 -6.30 0.00
CA THR A 51 -3.10 -6.21 1.03
C THR A 51 -4.26 -7.13 0.73
N GLY A 52 -4.96 -7.53 1.79
CA GLY A 52 -6.19 -8.30 1.64
C GLY A 52 -6.98 -8.32 2.92
N ARG A 53 -8.22 -8.74 2.79
CA ARG A 53 -9.12 -8.88 3.93
C ARG A 53 -9.14 -10.35 4.28
N LEU A 54 -9.01 -10.65 5.57
CA LEU A 54 -9.07 -12.03 6.02
C LEU A 54 -10.17 -12.31 7.05
N ALA A 55 -11.21 -13.01 6.60
CA ALA A 55 -12.38 -13.33 7.41
C ALA A 55 -12.72 -14.81 7.32
N LEU A 56 -12.92 -15.44 8.45
CA LEU A 56 -13.21 -16.86 8.45
C LEU A 56 -14.46 -17.16 7.62
N ARG A 57 -15.42 -16.26 7.60
CA ARG A 57 -16.67 -16.47 6.87
C ARG A 57 -16.44 -16.55 5.38
N GLU A 58 -15.46 -15.81 4.85
CA GLU A 58 -15.13 -15.93 3.43
C GLU A 58 -14.21 -17.12 3.15
N HIS A 59 -13.60 -17.71 4.18
CA HIS A 59 -12.60 -18.77 3.98
C HIS A 59 -12.83 -19.91 4.94
N PRO A 60 -13.98 -20.58 4.82
CA PRO A 60 -14.31 -21.58 5.85
C PRO A 60 -13.34 -22.77 5.93
N TRP A 61 -12.61 -23.04 4.87
CA TRP A 61 -11.55 -24.07 4.95
C TRP A 61 -10.55 -23.83 6.08
N LEU A 62 -10.25 -22.56 6.38
CA LEU A 62 -9.31 -22.25 7.45
C LEU A 62 -9.82 -22.71 8.82
N ALA A 63 -11.13 -22.89 8.96
CA ALA A 63 -11.68 -23.42 10.22
C ALA A 63 -11.16 -24.81 10.49
N ASP A 64 -10.74 -25.55 9.46
CA ASP A 64 -10.21 -26.90 9.70
C ASP A 64 -8.77 -26.93 10.25
N HIS A 65 -8.16 -25.75 10.47
CA HIS A 65 -6.84 -25.66 11.11
C HIS A 65 -6.95 -25.09 12.52
N THR A 66 -7.30 -25.98 13.47
CA THR A 66 -7.55 -25.62 14.85
C THR A 66 -6.56 -26.39 15.72
N ILE A 67 -5.91 -25.65 16.61
CA ILE A 67 -4.87 -26.16 17.50
C ILE A 67 -5.30 -25.88 18.97
N ALA A 68 -5.55 -26.94 19.73
CA ALA A 68 -6.01 -26.82 21.13
C ALA A 68 -7.19 -25.87 21.32
N GLY A 69 -8.21 -25.99 20.48
CA GLY A 69 -9.41 -25.14 20.55
C GLY A 69 -9.33 -23.80 19.86
N THR A 70 -8.13 -23.34 19.47
CA THR A 70 -8.00 -22.03 18.83
C THR A 70 -7.68 -22.16 17.34
N THR A 71 -8.53 -21.55 16.52
CA THR A 71 -8.36 -21.54 15.08
C THR A 71 -7.39 -20.43 14.66
N ILE A 72 -6.34 -20.83 13.96
CA ILE A 72 -5.22 -19.91 13.68
C ILE A 72 -4.71 -20.18 12.31
N VAL A 73 -4.21 -19.11 11.67
CA VAL A 73 -3.73 -19.26 10.33
C VAL A 73 -2.56 -20.18 10.39
N PRO A 74 -2.54 -21.21 9.57
CA PRO A 74 -1.32 -22.08 9.57
C PRO A 74 -0.02 -21.40 9.09
N GLY A 75 1.12 -21.97 9.51
CA GLY A 75 2.39 -21.48 9.12
C GLY A 75 2.54 -21.54 7.61
N THR A 76 2.04 -22.61 6.99
CA THR A 76 2.17 -22.74 5.58
C THR A 76 1.38 -21.66 4.84
N ALA A 77 0.35 -21.09 5.44
CA ALA A 77 -0.32 -19.94 4.80
C ALA A 77 0.53 -18.72 4.81
N PHE A 78 1.28 -18.49 5.88
CA PHE A 78 2.23 -17.36 5.84
C PHE A 78 3.33 -17.59 4.79
N VAL A 79 3.76 -18.84 4.66
CA VAL A 79 4.64 -19.23 3.55
C VAL A 79 4.03 -18.91 2.19
N GLU A 80 2.74 -19.25 2.01
CA GLU A 80 2.11 -18.98 0.75
C GLU A 80 2.14 -17.45 0.44
N LEU A 81 1.85 -16.64 1.47
CA LEU A 81 1.80 -15.22 1.27
C LEU A 81 3.17 -14.73 0.79
N ALA A 82 4.25 -15.21 1.42
CA ALA A 82 5.59 -14.84 1.03
C ALA A 82 5.94 -15.32 -0.40
N LEU A 83 5.48 -16.52 -0.76
CA LEU A 83 5.67 -17.01 -2.12
C LEU A 83 5.03 -16.04 -3.12
N HIS A 84 3.83 -15.52 -2.83
CA HIS A 84 3.22 -14.58 -3.75
C HIS A 84 4.07 -13.30 -3.85
N ALA A 85 4.51 -12.79 -2.71
CA ALA A 85 5.38 -11.63 -2.77
C ALA A 85 6.64 -11.93 -3.58
N ALA A 86 7.22 -13.11 -3.33
CA ALA A 86 8.47 -13.49 -4.00
C ALA A 86 8.27 -13.46 -5.53
N ASP A 87 7.20 -14.08 -5.96
CA ASP A 87 6.85 -14.15 -7.31
C ASP A 87 6.70 -12.72 -7.92
N ILE A 88 5.96 -11.83 -7.28
CA ILE A 88 5.75 -10.54 -7.90
C ILE A 88 7.02 -9.71 -7.94
N ALA A 89 7.86 -9.87 -6.94
CA ALA A 89 9.14 -9.14 -6.85
C ALA A 89 10.33 -9.79 -7.55
N GLY A 90 10.13 -10.88 -8.29
CA GLY A 90 11.28 -11.47 -9.01
C GLY A 90 12.31 -12.22 -8.14
N CYS A 91 11.93 -12.72 -6.97
CA CYS A 91 12.89 -13.52 -6.16
C CYS A 91 12.65 -15.02 -6.22
N ASP A 92 13.73 -15.78 -6.26
CA ASP A 92 13.63 -17.26 -6.44
C ASP A 92 13.33 -18.05 -5.18
N GLU A 93 13.41 -17.41 -4.04
CA GLU A 93 13.52 -18.15 -2.80
C GLU A 93 12.99 -17.32 -1.63
N ILE A 94 12.34 -17.98 -0.69
CA ILE A 94 12.20 -17.41 0.65
C ILE A 94 13.46 -17.92 1.32
N THR A 95 14.30 -17.00 1.72
CA THR A 95 15.60 -17.33 2.23
C THR A 95 15.42 -17.74 3.65
N GLU A 96 14.59 -17.01 4.37
CA GLU A 96 14.38 -17.35 5.76
C GLU A 96 13.09 -16.67 6.22
N LEU A 97 12.32 -17.38 7.04
CA LEU A 97 11.04 -16.89 7.55
C LEU A 97 10.82 -17.37 8.95
N VAL A 98 10.43 -16.45 9.84
CA VAL A 98 10.18 -16.77 11.22
C VAL A 98 8.80 -16.27 11.63
N LEU A 99 8.03 -17.12 12.29
CA LEU A 99 6.69 -16.83 12.76
C LEU A 99 6.69 -16.39 14.22
N HIS A 100 5.89 -15.41 14.57
CA HIS A 100 5.86 -14.82 15.88
C HIS A 100 4.43 -15.00 16.42
N THR A 101 3.71 -13.90 16.70
CA THR A 101 2.36 -14.00 17.23
C THR A 101 1.37 -14.62 16.22
N PRO A 102 0.52 -15.54 16.68
CA PRO A 102 -0.39 -16.08 15.71
C PRO A 102 -1.48 -15.11 15.33
N LEU A 103 -2.17 -15.46 14.26
CA LEU A 103 -3.29 -14.72 13.77
C LEU A 103 -4.50 -15.59 14.02
N VAL A 104 -5.37 -15.18 14.94
CA VAL A 104 -6.46 -16.00 15.37
C VAL A 104 -7.63 -15.61 14.52
N LEU A 105 -8.36 -16.61 14.02
CA LEU A 105 -9.57 -16.35 13.23
C LEU A 105 -10.78 -16.81 14.03
N SER A 106 -11.88 -16.07 13.88
CA SER A 106 -13.17 -16.52 14.38
C SER A 106 -14.28 -16.04 13.43
N THR A 107 -15.48 -16.56 13.62
CA THR A 107 -16.57 -16.25 12.68
C THR A 107 -17.07 -14.84 12.89
N GLN A 108 -16.79 -14.27 14.05
CA GLN A 108 -17.32 -12.95 14.39
C GLN A 108 -16.34 -11.84 14.03
N SER A 109 -15.22 -12.15 13.36
CA SER A 109 -14.15 -11.17 13.22
C SER A 109 -13.51 -11.24 11.86
N SER A 110 -12.72 -10.23 11.56
CA SER A 110 -12.08 -10.13 10.26
C SER A 110 -10.95 -9.13 10.32
N SER A 111 -9.89 -9.42 9.56
CA SER A 111 -8.62 -8.79 9.76
C SER A 111 -8.18 -8.13 8.45
N LEU A 112 -7.57 -6.96 8.57
CA LEU A 112 -6.78 -6.44 7.47
C LEU A 112 -5.44 -7.17 7.47
N LEU A 113 -5.06 -7.73 6.34
CA LEU A 113 -3.81 -8.48 6.18
C LEU A 113 -2.87 -7.78 5.19
N GLN A 114 -1.61 -7.71 5.56
CA GLN A 114 -0.59 -6.97 4.77
C GLN A 114 0.74 -7.72 4.72
N VAL A 115 1.35 -7.69 3.54
CA VAL A 115 2.70 -8.13 3.35
C VAL A 115 3.49 -6.95 2.85
N ALA A 116 4.58 -6.59 3.53
CA ALA A 116 5.48 -5.54 3.07
C ALA A 116 6.83 -6.11 2.67
N VAL A 117 7.31 -5.69 1.48
CA VAL A 117 8.64 -6.02 1.02
C VAL A 117 9.53 -4.78 0.82
N GLY A 118 10.72 -4.83 1.40
CA GLY A 118 11.70 -3.77 1.22
C GLY A 118 12.32 -3.78 -0.16
N PRO A 119 13.13 -2.74 -0.44
CA PRO A 119 13.94 -2.68 -1.66
C PRO A 119 15.05 -3.69 -1.66
N ALA A 120 15.61 -3.97 -2.84
CA ALA A 120 16.69 -4.92 -2.99
C ALA A 120 18.02 -4.36 -2.53
N ASP A 121 18.74 -5.13 -1.72
CA ASP A 121 20.18 -5.15 -1.55
C ASP A 121 20.91 -5.11 -2.86
N PRO A 122 22.22 -4.84 -2.83
CA PRO A 122 23.11 -5.11 -3.96
C PRO A 122 23.16 -6.59 -4.34
N SER A 123 22.96 -7.48 -3.40
CA SER A 123 22.87 -8.91 -3.71
C SER A 123 21.49 -9.31 -4.21
N GLY A 124 20.49 -8.43 -4.09
CA GLY A 124 19.11 -8.78 -4.51
C GLY A 124 18.14 -9.26 -3.41
N ALA A 125 18.64 -9.35 -2.18
CA ALA A 125 17.82 -9.75 -1.04
C ALA A 125 16.97 -8.57 -0.55
N ARG A 126 15.78 -8.91 -0.06
CA ARG A 126 14.79 -7.96 0.42
C ARG A 126 14.24 -8.41 1.77
N SER A 127 14.01 -7.47 2.68
CA SER A 127 13.30 -7.82 3.90
C SER A 127 11.82 -8.09 3.55
N LEU A 128 11.17 -8.85 4.37
CA LEU A 128 9.75 -9.18 4.19
C LEU A 128 9.10 -9.22 5.59
N THR A 129 7.90 -8.68 5.71
CA THR A 129 7.10 -8.75 6.93
C THR A 129 5.62 -8.99 6.66
N ILE A 130 4.96 -9.72 7.57
CA ILE A 130 3.52 -10.00 7.47
C ILE A 130 2.85 -9.64 8.79
N ARG A 131 1.80 -8.87 8.66
CA ARG A 131 1.19 -8.22 9.80
C ARG A 131 -0.31 -8.07 9.55
N SER A 132 -1.08 -7.91 10.62
CA SER A 132 -2.53 -7.74 10.52
C SER A 132 -3.06 -6.98 11.71
N HIS A 133 -4.30 -6.58 11.59
CA HIS A 133 -5.03 -6.08 12.73
C HIS A 133 -6.51 -6.23 12.48
N GLY A 134 -7.26 -6.36 13.58
CA GLY A 134 -8.72 -6.51 13.51
C GLY A 134 -9.37 -5.29 12.82
N GLU A 135 -10.45 -5.55 12.10
CA GLU A 135 -11.09 -4.52 11.25
C GLU A 135 -11.40 -3.18 11.90
N ASP A 136 -11.76 -3.16 13.17
CA ASP A 136 -11.91 -1.86 13.86
C ASP A 136 -10.96 -1.72 15.07
N VAL A 137 -9.69 -2.00 14.81
CA VAL A 137 -8.60 -1.89 15.79
C VAL A 137 -7.44 -1.18 15.07
N ARG A 138 -6.60 -0.48 15.83
CA ARG A 138 -5.57 0.37 15.23
C ARG A 138 -4.20 -0.29 15.08
N LEU A 139 -3.82 -1.16 16.01
CA LEU A 139 -2.43 -1.54 16.11
C LEU A 139 -2.08 -2.82 15.40
N TRP A 140 -1.06 -2.74 14.56
CA TRP A 140 -0.63 -3.85 13.75
C TRP A 140 0.01 -4.88 14.62
N VAL A 141 -0.24 -6.16 14.31
CA VAL A 141 0.43 -7.26 14.97
C VAL A 141 1.28 -7.95 13.91
N GLU A 142 2.55 -8.16 14.22
CA GLU A 142 3.48 -8.82 13.33
C GLU A 142 3.41 -10.34 13.53
N HIS A 143 3.08 -11.09 12.47
CA HIS A 143 3.00 -12.53 12.53
C HIS A 143 4.24 -13.22 11.93
N ALA A 144 4.91 -12.56 10.99
CA ALA A 144 6.10 -13.16 10.40
C ALA A 144 7.00 -12.14 9.83
N ASP A 145 8.28 -12.47 9.82
CA ASP A 145 9.22 -11.70 9.01
C ASP A 145 10.38 -12.55 8.52
N GLY A 146 11.13 -12.02 7.60
CA GLY A 146 12.19 -12.80 6.96
C GLY A 146 12.70 -12.07 5.75
N SER A 147 13.21 -12.82 4.82
CA SER A 147 13.77 -12.24 3.62
C SER A 147 13.59 -13.15 2.42
N ILE A 148 13.57 -12.53 1.26
CA ILE A 148 13.43 -13.22 0.00
C ILE A 148 14.57 -12.75 -0.90
N GLY A 149 14.98 -13.59 -1.85
CA GLY A 149 16.12 -13.26 -2.74
C GLY A 149 16.44 -14.43 -3.65
N PRO A 150 17.68 -14.49 -4.20
CA PRO A 150 18.19 -15.53 -5.14
C PRO A 150 18.50 -16.90 -4.60
N PRO A 191 8.23 -46.87 -3.39
CA PRO A 191 9.44 -46.77 -2.52
C PRO A 191 9.62 -48.04 -1.63
N PRO A 192 10.61 -48.90 -1.97
CA PRO A 192 10.63 -50.30 -1.48
C PRO A 192 10.97 -50.52 -0.01
N GLY A 193 10.65 -51.71 0.50
CA GLY A 193 11.04 -52.14 1.85
C GLY A 193 10.96 -51.12 2.97
N GLY A 194 9.99 -50.20 2.89
CA GLY A 194 9.69 -49.29 4.01
C GLY A 194 8.34 -49.62 4.67
N ASP A 195 8.28 -49.62 6.00
CA ASP A 195 7.02 -49.90 6.71
C ASP A 195 5.91 -48.87 6.40
N ALA A 196 4.77 -49.34 5.87
CA ALA A 196 3.58 -48.49 5.63
C ALA A 196 2.90 -48.00 6.94
N TRP A 197 2.43 -46.76 6.93
CA TRP A 197 1.81 -46.15 8.13
C TRP A 197 0.29 -46.17 8.04
N ASP A 198 -0.38 -46.16 9.18
CA ASP A 198 -1.82 -45.96 9.23
C ASP A 198 -2.02 -44.46 9.49
N THR A 199 -2.32 -43.73 8.43
CA THR A 199 -2.42 -42.29 8.50
C THR A 199 -3.67 -41.82 9.23
N ALA A 200 -4.76 -42.57 9.15
CA ALA A 200 -5.93 -42.18 9.94
C ALA A 200 -5.59 -42.34 11.41
N GLY A 201 -4.87 -43.41 11.73
CA GLY A 201 -4.35 -43.58 13.09
C GLY A 201 -3.41 -42.46 13.55
N LEU A 202 -2.55 -41.99 12.64
CA LEU A 202 -1.72 -40.83 12.97
C LEU A 202 -2.60 -39.59 13.32
N TYR A 203 -3.59 -39.30 12.46
CA TYR A 203 -4.46 -38.16 12.71
C TYR A 203 -5.23 -38.29 14.01
N ALA A 204 -5.65 -39.51 14.39
CA ALA A 204 -6.32 -39.67 15.70
C ALA A 204 -5.42 -39.31 16.88
N ARG A 205 -4.17 -39.77 16.86
CA ARG A 205 -3.22 -39.46 17.94
C ARG A 205 -2.85 -37.95 17.96
N LEU A 206 -2.70 -37.36 16.79
CA LEU A 206 -2.47 -35.94 16.74
C LEU A 206 -3.63 -35.14 17.37
N ALA A 207 -4.85 -35.59 17.08
CA ALA A 207 -6.06 -34.94 17.61
C ALA A 207 -6.10 -35.00 19.12
N ASP A 208 -5.65 -36.13 19.67
CA ASP A 208 -5.59 -36.29 21.12
C ASP A 208 -4.60 -35.39 21.77
N ARG A 209 -3.62 -34.88 21.03
CA ARG A 209 -2.65 -33.92 21.56
C ARG A 209 -3.04 -32.47 21.33
N GLY A 210 -4.13 -32.21 20.60
CA GLY A 210 -4.55 -30.85 20.29
C GLY A 210 -4.44 -30.38 18.82
N PHE A 211 -3.94 -31.24 17.95
CA PHE A 211 -3.92 -30.93 16.54
C PHE A 211 -5.27 -31.32 15.94
N GLN A 212 -6.23 -30.42 16.00
CA GLN A 212 -7.58 -30.76 15.62
C GLN A 212 -7.85 -30.42 14.16
N TYR A 213 -7.27 -31.20 13.27
CA TYR A 213 -7.35 -30.94 11.85
C TYR A 213 -8.71 -31.39 11.31
N GLY A 214 -9.50 -30.45 10.76
CA GLY A 214 -10.67 -30.80 10.01
C GLY A 214 -10.32 -31.32 8.62
N GLU A 215 -11.35 -31.56 7.83
CA GLU A 215 -11.23 -32.33 6.63
C GLU A 215 -10.25 -31.75 5.63
N THR A 216 -10.25 -30.44 5.49
CA THR A 216 -9.34 -29.83 4.52
C THR A 216 -7.86 -30.02 4.82
N PHE A 217 -7.55 -30.13 6.12
CA PHE A 217 -6.18 -30.28 6.57
C PHE A 217 -5.82 -31.69 6.89
N ARG A 218 -6.63 -32.66 6.55
CA ARG A 218 -6.24 -34.06 6.73
C ARG A 218 -5.83 -34.57 5.36
N GLY A 219 -4.77 -34.00 4.82
CA GLY A 219 -4.32 -34.28 3.47
C GLY A 219 -3.26 -35.34 3.31
N LEU A 220 -2.72 -35.86 4.41
CA LEU A 220 -1.80 -36.99 4.34
C LEU A 220 -2.54 -38.28 3.99
N ARG A 221 -2.51 -38.74 2.74
CA ARG A 221 -3.21 -39.96 2.33
C ARG A 221 -2.45 -41.28 2.62
N ALA A 222 -1.11 -41.25 2.63
CA ALA A 222 -0.26 -42.47 2.73
C ALA A 222 1.18 -42.11 3.13
N ALA A 223 1.88 -43.00 3.81
CA ALA A 223 3.23 -42.70 4.28
C ALA A 223 4.03 -43.93 4.63
N TRP A 224 5.31 -43.92 4.30
CA TRP A 224 6.26 -45.01 4.61
C TRP A 224 7.48 -44.41 5.23
N SER A 225 8.10 -45.11 6.15
CA SER A 225 9.42 -44.73 6.58
C SER A 225 10.42 -45.84 6.33
N SER A 226 11.64 -45.42 6.03
CA SER A 226 12.80 -46.30 5.89
C SER A 226 13.99 -45.54 6.43
N GLY A 227 14.64 -46.08 7.44
CA GLY A 227 15.74 -45.40 8.07
C GLY A 227 15.17 -44.18 8.74
N GLU A 228 15.92 -43.10 8.76
CA GLU A 228 15.45 -41.88 9.40
C GLU A 228 14.48 -41.06 8.49
N ASP A 229 14.34 -41.48 7.23
CA ASP A 229 13.57 -40.76 6.24
C ASP A 229 12.07 -41.12 6.15
N ILE A 230 11.26 -40.18 5.70
CA ILE A 230 9.86 -40.43 5.49
C ILE A 230 9.41 -40.05 4.09
N TYR A 231 8.52 -40.82 3.51
CA TYR A 231 7.92 -40.54 2.21
C TYR A 231 6.42 -40.42 2.34
N ALA A 232 5.83 -39.37 1.77
CA ALA A 232 4.42 -39.11 1.98
C ALA A 232 3.69 -38.76 0.69
N ASP A 233 2.50 -39.34 0.48
CA ASP A 233 1.59 -38.84 -0.54
C ASP A 233 0.60 -37.92 0.16
N VAL A 234 0.54 -36.67 -0.31
CA VAL A 234 -0.40 -35.69 0.21
C VAL A 234 -1.26 -35.16 -0.93
N GLU A 235 -2.45 -34.74 -0.56
CA GLU A 235 -3.44 -34.21 -1.49
C GLU A 235 -4.26 -33.18 -0.69
N VAL A 236 -5.04 -32.34 -1.35
CA VAL A 236 -5.86 -31.37 -0.60
C VAL A 236 -7.12 -32.09 -0.14
N GLY A 237 -7.33 -32.13 1.18
CA GLY A 237 -8.51 -32.76 1.77
C GLY A 237 -9.78 -31.99 1.46
N ALA A 238 -10.90 -32.69 1.30
CA ALA A 238 -12.21 -32.05 1.04
C ALA A 238 -12.15 -30.98 -0.05
N PRO A 239 -11.81 -31.39 -1.30
CA PRO A 239 -11.53 -30.43 -2.40
C PRO A 239 -12.62 -29.34 -2.59
N ALA A 240 -13.87 -29.78 -2.68
CA ALA A 240 -15.01 -28.88 -2.89
C ALA A 240 -15.14 -27.79 -1.81
N SER A 241 -14.33 -27.85 -0.76
CA SER A 241 -14.46 -26.91 0.36
C SER A 241 -13.33 -25.88 0.53
N SER A 242 -12.33 -25.85 -0.37
CA SER A 242 -11.36 -24.71 -0.41
C SER A 242 -11.33 -24.09 -1.81
N PRO A 243 -10.60 -22.96 -1.99
CA PRO A 243 -10.20 -22.62 -3.31
C PRO A 243 -9.31 -23.75 -3.79
N LYS A 244 -9.32 -23.97 -5.09
CA LYS A 244 -8.56 -25.06 -5.65
C LYS A 244 -7.04 -24.86 -5.54
N PRO A 245 -6.30 -25.95 -5.40
CA PRO A 245 -4.82 -25.87 -5.29
C PRO A 245 -4.15 -25.22 -6.52
N GLU A 246 -4.77 -25.37 -7.67
CA GLU A 246 -4.33 -24.68 -8.89
C GLU A 246 -4.32 -23.14 -8.75
N ALA A 247 -5.06 -22.60 -7.79
CA ALA A 247 -5.09 -21.15 -7.61
C ALA A 247 -3.98 -20.62 -6.70
N PHE A 248 -3.21 -21.51 -6.08
CA PHE A 248 -2.16 -21.08 -5.18
C PHE A 248 -0.77 -21.41 -5.68
N HIS A 249 0.22 -20.72 -5.11
CA HIS A 249 1.61 -21.15 -5.36
C HIS A 249 1.77 -22.56 -4.84
N VAL A 250 1.51 -22.75 -3.55
CA VAL A 250 1.33 -24.07 -2.96
C VAL A 250 0.24 -24.03 -1.85
N HIS A 251 -0.85 -24.75 -2.06
CA HIS A 251 -2.00 -24.75 -1.25
C HIS A 251 -1.47 -25.02 0.16
N PRO A 252 -1.77 -24.12 1.10
CA PRO A 252 -1.30 -24.28 2.45
C PRO A 252 -1.66 -25.62 3.11
N ALA A 253 -2.83 -26.18 2.83
CA ALA A 253 -3.21 -27.53 3.32
C ALA A 253 -2.31 -28.66 2.77
N LEU A 254 -1.87 -28.51 1.54
CA LEU A 254 -1.02 -29.53 0.89
C LEU A 254 0.32 -29.51 1.53
N LEU A 255 0.87 -28.32 1.66
CA LEU A 255 2.19 -28.19 2.30
C LEU A 255 2.13 -28.57 3.77
N ASP A 256 1.06 -28.16 4.49
CA ASP A 256 0.95 -28.55 5.91
C ASP A 256 0.82 -30.08 6.06
N ALA A 257 0.09 -30.73 5.16
CA ALA A 257 -0.11 -32.19 5.28
C ALA A 257 1.21 -32.93 5.12
N ALA A 258 2.10 -32.33 4.33
CA ALA A 258 3.49 -32.80 4.21
C ALA A 258 4.26 -32.72 5.49
N LEU A 259 3.88 -31.83 6.41
CA LEU A 259 4.50 -31.82 7.74
C LEU A 259 3.83 -32.76 8.71
N HIS A 260 2.58 -33.17 8.46
CA HIS A 260 1.91 -33.98 9.45
C HIS A 260 2.68 -35.28 9.67
N ALA A 261 3.20 -35.83 8.59
CA ALA A 261 4.05 -37.01 8.71
C ALA A 261 5.22 -36.77 9.63
N ALA A 262 5.85 -35.63 9.50
CA ALA A 262 7.06 -35.38 10.30
C ALA A 262 6.72 -35.32 11.79
N LEU A 263 5.50 -34.90 12.11
CA LEU A 263 5.05 -34.82 13.49
C LEU A 263 5.05 -36.17 14.18
N GLY A 264 5.00 -37.27 13.45
CA GLY A 264 4.99 -38.60 14.09
C GLY A 264 6.23 -38.77 14.94
N PRO A 265 7.40 -38.88 14.31
CA PRO A 265 8.61 -39.11 15.09
C PRO A 265 8.96 -37.93 15.98
N LEU A 266 8.71 -36.71 15.50
CA LEU A 266 9.05 -35.50 16.27
C LEU A 266 8.26 -35.31 17.57
N LEU A 267 7.09 -35.93 17.73
CA LEU A 267 6.28 -35.83 18.95
C LEU A 267 6.44 -37.02 19.88
N ASP A 268 7.31 -37.93 19.53
CA ASP A 268 7.21 -39.31 19.98
C ASP A 268 7.28 -39.46 21.49
N GLY A 269 8.25 -38.82 22.12
CA GLY A 269 8.30 -38.91 23.59
C GLY A 269 8.30 -37.49 24.12
N GLU A 270 7.26 -36.74 23.78
CA GLU A 270 7.25 -35.32 24.03
C GLU A 270 5.94 -34.94 24.67
N GLU A 271 5.97 -33.88 25.43
CA GLU A 271 4.81 -33.44 26.16
C GLU A 271 4.31 -32.23 25.35
N GLY A 272 3.01 -32.08 25.23
CA GLY A 272 2.44 -30.91 24.50
C GLY A 272 2.75 -30.68 23.00
N LEU A 273 2.67 -29.43 22.57
CA LEU A 273 2.48 -29.12 21.19
C LEU A 273 3.70 -28.51 20.66
N PHE A 274 3.87 -28.75 19.37
CA PHE A 274 5.03 -28.36 18.61
C PHE A 274 4.51 -27.85 17.31
N LEU A 275 4.86 -26.62 16.98
CA LEU A 275 4.47 -25.95 15.74
C LEU A 275 5.68 -25.42 14.99
N PRO A 276 5.53 -25.19 13.68
CA PRO A 276 6.58 -24.54 12.92
C PRO A 276 6.79 -23.15 13.40
N PHE A 277 8.05 -22.72 13.52
CA PHE A 277 8.34 -21.30 13.81
C PHE A 277 9.38 -20.73 12.86
N ALA A 278 10.16 -21.56 12.16
CA ALA A 278 11.23 -21.00 11.31
C ALA A 278 11.43 -21.90 10.10
N LEU A 279 11.56 -21.29 8.93
CA LEU A 279 11.75 -22.01 7.70
C LEU A 279 12.95 -21.37 7.03
N ARG A 280 13.71 -22.15 6.27
CA ARG A 280 14.89 -21.69 5.51
C ARG A 280 14.88 -22.28 4.12
N ARG A 281 15.15 -21.45 3.12
CA ARG A 281 15.36 -21.91 1.73
C ARG A 281 14.14 -22.62 1.14
N VAL A 282 13.03 -21.89 1.12
CA VAL A 282 11.79 -22.38 0.48
C VAL A 282 11.80 -21.91 -0.99
N ARG A 283 11.79 -22.86 -1.92
CA ARG A 283 11.94 -22.60 -3.36
C ARG A 283 10.87 -23.43 -4.05
N VAL A 284 9.92 -22.76 -4.71
CA VAL A 284 8.89 -23.42 -5.47
C VAL A 284 9.29 -23.39 -6.92
N HIS A 285 9.31 -24.55 -7.61
CA HIS A 285 9.71 -24.58 -9.03
C HIS A 285 8.49 -24.51 -9.95
N HIS A 286 7.32 -24.96 -9.51
CA HIS A 286 6.07 -24.85 -10.29
C HIS A 286 4.88 -24.66 -9.33
N SER A 287 4.03 -23.73 -9.64
CA SER A 287 2.94 -23.31 -8.83
C SER A 287 1.77 -24.19 -9.14
N GLY A 288 0.76 -24.23 -8.26
CA GLY A 288 -0.47 -24.95 -8.59
C GLY A 288 -0.50 -26.46 -8.45
N ALA A 289 0.47 -27.11 -7.84
CA ALA A 289 0.38 -28.55 -7.70
C ALA A 289 -0.85 -28.98 -6.91
N LYS A 290 -1.52 -30.05 -7.37
CA LYS A 290 -2.72 -30.54 -6.69
C LYS A 290 -2.41 -31.65 -5.71
N SER A 291 -1.29 -32.34 -5.96
CA SER A 291 -0.81 -33.33 -5.01
C SER A 291 0.71 -33.47 -5.07
N LEU A 292 1.27 -34.18 -4.09
CA LEU A 292 2.70 -34.25 -3.90
C LEU A 292 3.19 -35.58 -3.36
N ARG A 293 4.33 -36.05 -3.85
CA ARG A 293 5.10 -37.09 -3.23
C ARG A 293 6.28 -36.41 -2.59
N VAL A 294 6.43 -36.65 -1.29
CA VAL A 294 7.30 -35.86 -0.47
C VAL A 294 8.38 -36.66 0.22
N HIS A 295 9.62 -36.25 0.09
CA HIS A 295 10.73 -36.87 0.81
C HIS A 295 11.07 -35.98 1.98
N ILE A 296 10.91 -36.50 3.18
CA ILE A 296 11.28 -35.78 4.41
C ILE A 296 12.50 -36.39 5.04
N THR A 297 13.51 -35.59 5.33
CA THR A 297 14.75 -36.03 6.05
C THR A 297 15.04 -35.16 7.28
N PRO A 298 15.64 -35.74 8.33
CA PRO A 298 15.93 -34.95 9.56
C PRO A 298 17.02 -33.94 9.31
N ASP A 299 17.02 -32.86 10.10
CA ASP A 299 17.90 -31.76 9.85
C ASP A 299 18.43 -31.15 11.14
N GLY A 300 18.60 -31.95 12.16
CA GLY A 300 18.99 -31.38 13.44
C GLY A 300 17.76 -31.47 14.31
N ASP A 301 17.84 -30.98 15.52
CA ASP A 301 16.85 -31.31 16.52
C ASP A 301 15.57 -30.45 16.31
N LYS A 302 14.45 -31.17 16.21
CA LYS A 302 13.17 -30.64 15.93
C LYS A 302 13.07 -29.96 14.55
N SER A 303 14.03 -30.27 13.66
CA SER A 303 13.98 -29.73 12.29
C SER A 303 13.97 -30.83 11.27
N VAL A 304 13.29 -30.60 10.16
CA VAL A 304 13.35 -31.49 9.02
C VAL A 304 13.51 -30.70 7.75
N SER A 305 13.93 -31.38 6.71
CA SER A 305 13.89 -30.70 5.43
C SER A 305 13.07 -31.55 4.51
N LEU A 306 12.64 -30.97 3.42
CA LEU A 306 11.89 -31.73 2.47
C LEU A 306 11.98 -31.29 1.02
N SER A 307 11.51 -32.20 0.20
CA SER A 307 11.68 -32.13 -1.25
C SER A 307 10.42 -32.80 -1.83
N ALA A 308 9.85 -32.23 -2.87
CA ALA A 308 8.61 -32.79 -3.37
C ALA A 308 8.40 -32.69 -4.88
N VAL A 309 7.96 -33.76 -5.48
CA VAL A 309 7.60 -33.79 -6.88
C VAL A 309 6.07 -33.99 -6.96
N ASP A 310 5.46 -33.72 -8.13
CA ASP A 310 4.01 -33.88 -8.30
C ASP A 310 3.77 -35.28 -8.83
N ALA A 311 2.54 -35.62 -9.16
CA ALA A 311 2.19 -37.01 -9.56
C ALA A 311 2.85 -37.48 -10.86
N ALA A 312 3.34 -36.55 -11.69
CA ALA A 312 4.16 -36.91 -12.88
C ALA A 312 5.68 -36.90 -12.66
N GLY A 313 6.15 -36.60 -11.43
CA GLY A 313 7.59 -36.50 -11.18
C GLY A 313 8.24 -35.15 -11.45
N ASN A 314 7.50 -34.13 -11.85
CA ASN A 314 8.07 -32.81 -11.93
C ASN A 314 8.38 -32.35 -10.52
N ALA A 315 9.54 -31.75 -10.34
CA ALA A 315 9.92 -31.15 -9.07
C ALA A 315 8.98 -29.94 -8.77
N VAL A 316 8.41 -29.85 -7.60
CA VAL A 316 7.49 -28.77 -7.29
C VAL A 316 8.07 -27.84 -6.25
N VAL A 317 8.47 -28.38 -5.10
CA VAL A 317 8.97 -27.51 -4.05
C VAL A 317 9.99 -28.21 -3.24
N SER A 318 10.95 -27.44 -2.77
CA SER A 318 11.88 -27.91 -1.75
C SER A 318 11.99 -26.90 -0.59
N VAL A 319 12.34 -27.41 0.60
CA VAL A 319 12.45 -26.62 1.84
C VAL A 319 13.75 -26.98 2.47
N GLY A 320 14.68 -26.03 2.51
CA GLY A 320 15.96 -26.25 3.16
C GLY A 320 15.75 -26.75 4.55
N SER A 321 14.83 -26.14 5.30
CA SER A 321 14.70 -26.52 6.69
C SER A 321 13.39 -26.00 7.26
N VAL A 322 12.74 -26.83 8.10
CA VAL A 322 11.58 -26.38 8.86
C VAL A 322 11.81 -26.74 10.29
N ALA A 323 11.83 -25.73 11.19
CA ALA A 323 12.13 -25.95 12.61
C ALA A 323 10.84 -25.85 13.43
N LEU A 324 10.62 -26.80 14.33
CA LEU A 324 9.42 -26.77 15.21
C LEU A 324 9.78 -26.41 16.63
N ARG A 325 8.83 -25.88 17.38
CA ARG A 325 9.08 -25.56 18.80
C ARG A 325 7.83 -25.82 19.66
N PRO A 326 8.01 -25.91 20.98
CA PRO A 326 6.90 -26.17 21.90
C PRO A 326 6.08 -24.93 22.03
N VAL A 327 4.77 -25.07 22.02
CA VAL A 327 3.88 -23.95 22.23
C VAL A 327 2.91 -24.30 23.34
N SER A 328 2.61 -23.35 24.19
CA SER A 328 1.62 -23.63 25.23
C SER A 328 0.24 -23.32 24.68
N SER A 329 -0.68 -24.26 24.91
CA SER A 329 -2.08 -24.05 24.51
C SER A 329 -2.75 -22.82 25.14
N ALA A 330 -2.34 -22.49 26.37
CA ALA A 330 -2.82 -21.30 27.05
C ALA A 330 -2.36 -20.00 26.37
N GLN A 331 -1.13 -19.91 25.86
CA GLN A 331 -0.73 -18.76 25.04
C GLN A 331 -1.70 -18.61 23.85
N LEU A 332 -1.99 -19.70 23.14
CA LEU A 332 -2.92 -19.62 22.00
C LEU A 332 -4.32 -19.16 22.35
N ALA A 333 -4.87 -19.71 23.42
CA ALA A 333 -6.17 -19.24 23.86
C ALA A 333 -6.13 -17.71 24.16
N ALA A 334 -4.99 -17.20 24.60
CA ALA A 334 -4.84 -15.78 24.94
C ALA A 334 -4.86 -14.89 23.70
N ALA A 335 -4.12 -15.29 22.68
CA ALA A 335 -3.98 -14.52 21.43
C ALA A 335 -5.31 -14.10 20.72
N ALA B 24 -12.52 -0.22 1.09
CA ALA B 24 -11.11 -0.02 1.60
C ALA B 24 -10.67 -1.09 2.61
N ALA B 25 -11.38 -1.19 3.71
CA ALA B 25 -11.28 -2.33 4.58
C ALA B 25 -11.46 -3.62 3.76
N GLY B 26 -12.30 -3.58 2.74
CA GLY B 26 -12.58 -4.79 1.94
C GLY B 26 -11.37 -5.27 1.12
N LEU B 27 -10.45 -4.36 0.83
CA LEU B 27 -9.22 -4.72 0.15
C LEU B 27 -7.99 -4.91 1.09
N GLY B 28 -8.21 -4.77 2.39
CA GLY B 28 -7.12 -4.85 3.35
C GLY B 28 -6.43 -3.53 3.68
N LEU B 29 -7.02 -2.37 3.38
CA LEU B 29 -6.44 -1.05 3.70
C LEU B 29 -7.23 -0.17 4.66
N GLU B 30 -6.55 0.80 5.26
CA GLU B 30 -7.15 1.76 6.13
C GLU B 30 -7.55 2.94 5.30
N ALA B 31 -8.78 3.43 5.50
CA ALA B 31 -9.29 4.58 4.79
C ALA B 31 -8.70 5.85 5.35
N THR B 32 -8.77 6.92 4.57
CA THR B 32 -8.52 8.29 5.01
C THR B 32 -9.69 9.16 4.53
N GLU B 33 -10.02 10.25 5.21
CA GLU B 33 -11.12 11.13 4.73
C GLU B 33 -10.52 12.33 4.02
N HIS B 34 -10.56 12.30 2.72
CA HIS B 34 -10.04 13.40 1.95
C HIS B 34 -10.68 13.37 0.59
N PRO B 35 -10.95 14.52 0.02
CA PRO B 35 -11.61 14.49 -1.31
C PRO B 35 -10.82 13.83 -2.48
N LEU B 36 -9.49 13.76 -2.41
CA LEU B 36 -8.65 13.14 -3.48
C LEU B 36 -7.93 11.85 -3.11
N LEU B 37 -8.04 11.40 -1.88
CA LEU B 37 -7.37 10.16 -1.45
C LEU B 37 -8.36 9.29 -0.73
N ALA B 38 -8.30 8.01 -0.99
CA ALA B 38 -9.16 7.03 -0.38
C ALA B 38 -8.50 6.26 0.79
N THR B 39 -7.18 6.07 0.75
CA THR B 39 -6.47 5.21 1.72
C THR B 39 -5.22 5.85 2.34
N ALA B 40 -4.82 5.34 3.50
CA ALA B 40 -3.60 5.75 4.21
C ALA B 40 -3.05 4.57 4.96
N THR B 41 -1.80 4.21 4.80
CA THR B 41 -1.27 3.17 5.60
C THR B 41 0.13 3.53 6.08
N GLU B 42 0.44 3.16 7.31
CA GLU B 42 1.78 3.34 7.83
C GLU B 42 2.47 2.05 7.49
N LEU B 43 3.67 2.13 6.96
CA LEU B 43 4.41 0.95 6.56
C LEU B 43 5.35 0.57 7.67
N PRO B 44 5.80 -0.69 7.67
CA PRO B 44 6.64 -1.14 8.80
C PRO B 44 7.88 -0.27 9.06
N ASP B 45 8.38 0.40 8.03
CA ASP B 45 9.58 1.19 8.19
C ASP B 45 9.31 2.61 8.77
N GLY B 46 8.05 2.90 9.13
CA GLY B 46 7.63 4.23 9.62
C GLY B 46 7.21 5.24 8.55
N GLY B 47 7.25 4.81 7.28
CA GLY B 47 6.82 5.63 6.16
C GLY B 47 5.32 5.49 5.98
N TYR B 48 4.75 6.25 5.05
CA TYR B 48 3.31 6.16 4.74
C TYR B 48 3.04 6.05 3.24
N LEU B 49 1.90 5.46 2.87
CA LEU B 49 1.43 5.41 1.51
C LEU B 49 -0.02 5.89 1.51
N PHE B 50 -0.34 6.81 0.60
CA PHE B 50 -1.72 7.24 0.38
C PHE B 50 -2.09 6.96 -1.06
N THR B 51 -3.30 6.47 -1.29
CA THR B 51 -3.73 6.23 -2.67
C THR B 51 -5.09 6.83 -2.95
N GLY B 52 -5.34 7.11 -4.21
CA GLY B 52 -6.68 7.48 -4.68
C GLY B 52 -6.81 7.36 -6.19
N ARG B 53 -8.05 7.29 -6.63
CA ARG B 53 -8.34 7.23 -8.06
C ARG B 53 -8.63 8.66 -8.47
N LEU B 54 -8.06 9.09 -9.58
CA LEU B 54 -8.32 10.41 -10.11
C LEU B 54 -8.92 10.46 -11.54
N ALA B 55 -10.21 10.75 -11.61
CA ALA B 55 -10.93 10.76 -12.88
C ALA B 55 -11.70 12.05 -13.03
N LEU B 56 -11.57 12.66 -14.18
CA LEU B 56 -12.23 13.90 -14.42
C LEU B 56 -13.73 13.77 -14.25
N ARG B 57 -14.29 12.62 -14.57
CA ARG B 57 -15.73 12.39 -14.42
C ARG B 57 -16.22 12.39 -12.99
N GLU B 58 -15.40 11.93 -12.04
CA GLU B 58 -15.75 12.04 -10.61
C GLU B 58 -15.37 13.40 -10.01
N HIS B 59 -14.58 14.22 -10.71
CA HIS B 59 -14.16 15.52 -10.17
C HIS B 59 -14.29 16.61 -11.22
N PRO B 60 -15.52 16.89 -11.66
CA PRO B 60 -15.61 17.79 -12.81
C PRO B 60 -15.06 19.21 -12.54
N TRP B 61 -14.98 19.62 -11.28
CA TRP B 61 -14.39 20.90 -10.96
C TRP B 61 -12.98 21.02 -11.53
N LEU B 62 -12.26 19.91 -11.61
CA LEU B 62 -10.90 19.98 -12.17
C LEU B 62 -10.85 20.34 -13.67
N ALA B 63 -11.94 20.13 -14.40
CA ALA B 63 -12.02 20.60 -15.78
C ALA B 63 -11.85 22.11 -15.87
N ASP B 64 -12.14 22.85 -14.79
CA ASP B 64 -12.00 24.30 -14.85
C ASP B 64 -10.56 24.77 -14.70
N HIS B 65 -9.60 23.84 -14.59
CA HIS B 65 -8.16 24.21 -14.61
C HIS B 65 -7.47 23.70 -15.89
N THR B 66 -7.62 24.48 -16.96
CA THR B 66 -7.12 24.13 -18.27
C THR B 66 -6.14 25.21 -18.74
N ILE B 67 -4.99 24.76 -19.22
CA ILE B 67 -3.86 25.60 -19.60
C ILE B 67 -3.50 25.26 -21.03
N ALA B 68 -3.61 26.26 -21.91
CA ALA B 68 -3.33 26.07 -23.33
C ALA B 68 -4.04 24.90 -23.92
N GLY B 69 -5.30 24.69 -23.55
CA GLY B 69 -6.10 23.56 -24.11
C GLY B 69 -5.95 22.20 -23.42
N THR B 70 -4.96 22.06 -22.55
CA THR B 70 -4.78 20.83 -21.82
C THR B 70 -5.15 20.96 -20.34
N THR B 71 -6.06 20.10 -19.92
CA THR B 71 -6.50 20.09 -18.53
C THR B 71 -5.49 19.31 -17.69
N ILE B 72 -5.00 19.95 -16.63
CA ILE B 72 -3.95 19.38 -15.80
C ILE B 72 -4.26 19.70 -14.36
N VAL B 73 -3.81 18.82 -13.50
CA VAL B 73 -4.02 19.00 -12.07
C VAL B 73 -3.24 20.22 -11.67
N PRO B 74 -3.88 21.15 -10.97
CA PRO B 74 -3.11 22.33 -10.56
C PRO B 74 -2.04 22.06 -9.52
N GLY B 75 -1.02 22.92 -9.50
CA GLY B 75 0.08 22.82 -8.55
C GLY B 75 -0.46 22.83 -7.15
N THR B 76 -1.46 23.68 -6.90
CA THR B 76 -1.99 23.78 -5.54
C THR B 76 -2.67 22.49 -5.12
N ALA B 77 -3.16 21.66 -6.05
CA ALA B 77 -3.67 20.35 -5.67
C ALA B 77 -2.56 19.43 -5.18
N PHE B 78 -1.39 19.49 -5.80
CA PHE B 78 -0.27 18.68 -5.30
C PHE B 78 0.13 19.18 -3.89
N VAL B 79 0.06 20.48 -3.67
CA VAL B 79 0.27 21.05 -2.36
C VAL B 79 -0.72 20.52 -1.36
N GLU B 80 -1.98 20.46 -1.74
CA GLU B 80 -3.00 19.93 -0.86
C GLU B 80 -2.67 18.50 -0.49
N LEU B 81 -2.22 17.72 -1.46
CA LEU B 81 -1.98 16.30 -1.22
C LEU B 81 -0.89 16.17 -0.18
N ALA B 82 0.16 16.98 -0.32
CA ALA B 82 1.25 17.00 0.64
C ALA B 82 0.79 17.45 2.01
N LEU B 83 -0.09 18.44 2.08
CA LEU B 83 -0.62 18.87 3.34
C LEU B 83 -1.31 17.70 4.04
N HIS B 84 -2.07 16.88 3.32
CA HIS B 84 -2.76 15.78 3.97
C HIS B 84 -1.72 14.81 4.50
N ALA B 85 -0.73 14.50 3.67
CA ALA B 85 0.33 13.61 4.13
C ALA B 85 1.02 14.19 5.36
N ALA B 86 1.31 15.49 5.32
CA ALA B 86 1.97 16.15 6.46
C ALA B 86 1.15 15.98 7.74
N ASP B 87 -0.13 16.25 7.64
CA ASP B 87 -1.02 16.14 8.75
C ASP B 87 -1.02 14.70 9.31
N ILE B 88 -1.16 13.68 8.46
CA ILE B 88 -1.28 12.33 8.98
C ILE B 88 0.02 11.89 9.65
N ALA B 89 1.15 12.34 9.11
CA ALA B 89 2.47 11.99 9.61
C ALA B 89 3.04 12.90 10.70
N GLY B 90 2.26 13.84 11.23
CA GLY B 90 2.76 14.66 12.31
C GLY B 90 3.84 15.69 11.94
N CYS B 91 3.87 16.16 10.69
CA CYS B 91 4.78 17.27 10.31
C CYS B 91 4.10 18.62 10.16
N ASP B 92 4.75 19.69 10.61
CA ASP B 92 4.13 21.02 10.62
C ASP B 92 4.17 21.74 9.25
N GLU B 93 4.97 21.24 8.31
CA GLU B 93 5.45 22.08 7.26
C GLU B 93 5.80 21.24 6.05
N ILE B 94 5.47 21.75 4.87
CA ILE B 94 6.09 21.26 3.65
C ILE B 94 7.34 22.11 3.57
N THR B 95 8.48 21.48 3.60
CA THR B 95 9.73 22.19 3.67
C THR B 95 10.11 22.60 2.29
N GLU B 96 9.97 21.69 1.34
CA GLU B 96 10.22 21.99 -0.03
C GLU B 96 9.39 21.06 -0.95
N LEU B 97 8.82 21.60 -2.04
CA LEU B 97 8.09 20.80 -3.02
C LEU B 97 8.36 21.29 -4.42
N VAL B 98 8.72 20.36 -5.31
CA VAL B 98 9.06 20.67 -6.67
C VAL B 98 8.15 19.86 -7.59
N LEU B 99 7.56 20.53 -8.57
CA LEU B 99 6.69 19.89 -9.58
C LEU B 99 7.48 19.55 -10.85
N HIS B 100 7.22 18.41 -11.43
CA HIS B 100 7.96 17.96 -12.57
C HIS B 100 6.87 17.78 -13.60
N THR B 101 6.70 16.57 -14.13
CA THR B 101 5.75 16.36 -15.20
C THR B 101 4.30 16.61 -14.75
N PRO B 102 3.54 17.33 -15.57
CA PRO B 102 2.18 17.47 -15.13
C PRO B 102 1.39 16.17 -15.25
N LEU B 103 0.21 16.20 -14.65
CA LEU B 103 -0.72 15.09 -14.66
C LEU B 103 -1.91 15.58 -15.47
N VAL B 104 -2.12 14.97 -16.61
CA VAL B 104 -3.09 15.40 -17.57
C VAL B 104 -4.38 14.63 -17.31
N LEU B 105 -5.51 15.33 -17.25
CA LEU B 105 -6.80 14.69 -17.03
C LEU B 105 -7.59 14.84 -18.29
N SER B 106 -8.41 13.84 -18.60
CA SER B 106 -9.38 13.96 -19.67
C SER B 106 -10.61 13.15 -19.34
N THR B 107 -11.68 13.33 -20.10
CA THR B 107 -12.95 12.70 -19.75
C THR B 107 -12.92 11.23 -20.05
N GLN B 108 -12.00 10.82 -20.90
CA GLN B 108 -11.93 9.41 -21.32
C GLN B 108 -10.93 8.61 -20.49
N SER B 109 -10.41 9.19 -19.42
CA SER B 109 -9.29 8.59 -18.72
C SER B 109 -9.39 8.78 -17.23
N SER B 110 -8.54 8.08 -16.54
CA SER B 110 -8.48 8.09 -15.10
C SER B 110 -7.13 7.53 -14.65
N SER B 111 -6.65 8.06 -13.54
CA SER B 111 -5.30 7.81 -13.10
C SER B 111 -5.31 7.20 -11.68
N LEU B 112 -4.41 6.23 -11.45
CA LEU B 112 -4.13 5.84 -10.09
C LEU B 112 -3.17 6.88 -9.52
N LEU B 113 -3.52 7.46 -8.38
CA LEU B 113 -2.71 8.50 -7.72
C LEU B 113 -2.12 8.00 -6.39
N GLN B 114 -0.88 8.37 -6.13
CA GLN B 114 -0.11 7.84 -5.03
C GLN B 114 0.82 8.89 -4.39
N VAL B 115 0.76 9.01 -3.07
CA VAL B 115 1.69 9.83 -2.30
C VAL B 115 2.50 8.92 -1.38
N ALA B 116 3.83 8.96 -1.47
CA ALA B 116 4.69 8.15 -0.60
C ALA B 116 5.51 9.03 0.30
N VAL B 117 5.53 8.67 1.58
CA VAL B 117 6.33 9.39 2.56
C VAL B 117 7.34 8.47 3.23
N GLY B 118 8.60 8.88 3.23
CA GLY B 118 9.66 8.13 3.89
C GLY B 118 9.58 8.22 5.40
N PRO B 119 10.41 7.44 6.10
CA PRO B 119 10.55 7.48 7.56
C PRO B 119 11.21 8.74 8.01
N ALA B 120 11.05 9.09 9.27
CA ALA B 120 11.65 10.31 9.83
C ALA B 120 13.15 10.18 10.07
N ASP B 121 13.91 11.19 9.63
CA ASP B 121 15.18 11.65 10.19
C ASP B 121 15.18 11.74 11.71
N PRO B 122 16.38 11.81 12.31
CA PRO B 122 16.51 12.27 13.70
C PRO B 122 15.95 13.68 13.93
N SER B 123 16.01 14.54 12.93
CA SER B 123 15.38 15.87 12.99
C SER B 123 13.88 15.84 12.69
N GLY B 124 13.35 14.72 12.19
CA GLY B 124 11.90 14.61 11.93
C GLY B 124 11.51 14.85 10.50
N ALA B 125 12.47 15.14 9.63
CA ALA B 125 12.22 15.37 8.21
C ALA B 125 12.04 14.06 7.46
N ARG B 126 11.16 14.10 6.46
CA ARG B 126 10.78 12.92 5.68
C ARG B 126 10.72 13.24 4.20
N SER B 127 11.14 12.33 3.34
CA SER B 127 11.00 12.56 1.92
C SER B 127 9.54 12.42 1.55
N LEU B 128 9.15 13.03 0.45
CA LEU B 128 7.79 12.91 -0.05
C LEU B 128 7.85 12.82 -1.58
N THR B 129 7.06 11.93 -2.17
CA THR B 129 6.92 11.84 -3.65
C THR B 129 5.46 11.64 -4.06
N ILE B 130 5.08 12.23 -5.18
CA ILE B 130 3.74 12.07 -5.74
C ILE B 130 3.88 11.60 -7.18
N ARG B 131 3.12 10.57 -7.50
CA ARG B 131 3.21 9.93 -8.79
C ARG B 131 1.88 9.35 -9.21
N SER B 132 1.74 9.07 -10.51
CA SER B 132 0.51 8.46 -11.00
C SER B 132 0.78 7.67 -12.24
N HIS B 133 -0.22 6.95 -12.67
CA HIS B 133 -0.21 6.36 -14.01
C HIS B 133 -1.60 6.03 -14.45
N GLY B 134 -1.82 6.06 -15.76
CA GLY B 134 -3.13 5.84 -16.35
C GLY B 134 -3.63 4.48 -15.95
N GLU B 135 -4.96 4.37 -15.80
CA GLU B 135 -5.56 3.13 -15.29
C GLU B 135 -5.15 1.83 -15.94
N ASP B 136 -4.91 1.82 -17.25
CA ASP B 136 -4.36 0.59 -17.88
C ASP B 136 -2.98 0.83 -18.55
N VAL B 137 -2.08 1.44 -17.80
CA VAL B 137 -0.73 1.74 -18.21
C VAL B 137 0.21 1.32 -17.07
N ARG B 138 1.44 0.95 -17.43
CA ARG B 138 2.39 0.34 -16.48
C ARG B 138 3.29 1.32 -15.75
N LEU B 139 3.69 2.42 -16.42
CA LEU B 139 4.81 3.20 -15.95
C LEU B 139 4.38 4.39 -15.12
N TRP B 140 4.95 4.50 -13.93
CA TRP B 140 4.62 5.56 -13.00
C TRP B 140 5.24 6.80 -13.55
N VAL B 141 4.55 7.92 -13.39
CA VAL B 141 5.10 9.21 -13.74
C VAL B 141 5.17 10.00 -12.46
N GLU B 142 6.34 10.55 -12.17
CA GLU B 142 6.56 11.34 -10.99
C GLU B 142 6.15 12.78 -11.31
N HIS B 143 5.22 13.32 -10.51
CA HIS B 143 4.73 14.71 -10.66
C HIS B 143 5.35 15.66 -9.67
N ALA B 144 5.75 15.16 -8.52
CA ALA B 144 6.30 16.02 -7.49
C ALA B 144 7.15 15.24 -6.49
N ASP B 145 8.15 15.91 -5.94
CA ASP B 145 8.80 15.40 -4.77
C ASP B 145 9.30 16.55 -3.92
N GLY B 146 9.77 16.22 -2.74
CA GLY B 146 10.20 17.20 -1.78
C GLY B 146 10.38 16.60 -0.43
N SER B 147 10.17 17.39 0.61
CA SER B 147 10.17 16.91 1.97
C SER B 147 9.22 17.65 2.87
N ILE B 148 8.86 17.01 3.98
CA ILE B 148 8.02 17.57 5.03
C ILE B 148 8.70 17.38 6.37
N GLY B 149 8.38 18.21 7.34
CA GLY B 149 9.04 18.16 8.66
C GLY B 149 8.54 19.26 9.60
N PRO B 150 9.28 19.51 10.69
CA PRO B 150 8.87 20.53 11.67
C PRO B 150 9.21 21.99 11.30
N ASP B 195 -4.17 50.98 -5.32
CA ASP B 195 -4.92 51.04 -6.58
C ASP B 195 -5.69 49.76 -6.82
N ALA B 196 -7.02 49.88 -6.90
CA ALA B 196 -7.90 48.73 -7.14
C ALA B 196 -7.76 48.16 -8.56
N TRP B 197 -7.82 46.82 -8.67
CA TRP B 197 -7.66 46.15 -9.96
C TRP B 197 -9.02 45.75 -10.53
N ASP B 198 -9.10 45.64 -11.85
CA ASP B 198 -10.26 45.04 -12.50
C ASP B 198 -9.97 43.54 -12.66
N THR B 199 -10.51 42.72 -11.76
CA THR B 199 -10.19 41.30 -11.74
C THR B 199 -10.86 40.55 -12.90
N ALA B 200 -12.03 41.01 -13.34
CA ALA B 200 -12.62 40.39 -14.54
C ALA B 200 -11.74 40.69 -15.75
N GLY B 201 -11.22 41.92 -15.80
CA GLY B 201 -10.22 42.28 -16.81
C GLY B 201 -8.95 41.42 -16.75
N LEU B 202 -8.48 41.14 -15.55
CA LEU B 202 -7.33 40.26 -15.38
C LEU B 202 -7.62 38.85 -15.98
N TYR B 203 -8.78 38.31 -15.62
CA TYR B 203 -9.17 37.04 -16.13
C TYR B 203 -9.29 37.03 -17.65
N ALA B 204 -9.79 38.12 -18.26
CA ALA B 204 -9.92 38.19 -19.74
C ALA B 204 -8.57 38.16 -20.43
N ARG B 205 -7.62 38.94 -19.90
CA ARG B 205 -6.28 38.93 -20.46
C ARG B 205 -5.64 37.57 -20.26
N LEU B 206 -5.80 36.94 -19.09
CA LEU B 206 -5.19 35.63 -18.84
C LEU B 206 -5.74 34.58 -19.83
N ALA B 207 -7.05 34.65 -20.09
CA ALA B 207 -7.68 33.78 -21.08
C ALA B 207 -7.09 33.93 -22.48
N ASP B 208 -6.81 35.18 -22.87
CA ASP B 208 -6.22 35.45 -24.17
C ASP B 208 -4.82 34.92 -24.30
N ARG B 209 -4.15 34.67 -23.18
CA ARG B 209 -2.81 34.13 -23.26
C ARG B 209 -2.81 32.60 -23.17
N GLY B 210 -3.94 31.98 -22.89
CA GLY B 210 -4.03 30.52 -22.77
C GLY B 210 -4.41 29.97 -21.42
N PHE B 211 -4.61 30.83 -20.41
CA PHE B 211 -5.05 30.42 -19.08
C PHE B 211 -6.55 30.32 -19.10
N GLN B 212 -7.06 29.15 -19.39
CA GLN B 212 -8.51 29.00 -19.46
C GLN B 212 -9.16 28.53 -18.16
N TYR B 213 -9.27 29.42 -17.19
CA TYR B 213 -9.87 29.09 -15.89
C TYR B 213 -11.38 29.07 -15.97
N GLY B 214 -12.00 27.93 -15.76
CA GLY B 214 -13.45 27.87 -15.67
C GLY B 214 -13.93 28.47 -14.34
N GLU B 215 -15.23 28.35 -14.10
CA GLU B 215 -15.86 29.00 -12.97
C GLU B 215 -15.25 28.69 -11.58
N THR B 216 -14.95 27.40 -11.33
CA THR B 216 -14.38 27.02 -10.04
C THR B 216 -13.03 27.64 -9.72
N PHE B 217 -12.26 27.93 -10.76
CA PHE B 217 -10.97 28.52 -10.57
C PHE B 217 -10.93 30.02 -10.76
N ARG B 218 -12.08 30.68 -10.86
CA ARG B 218 -12.05 32.13 -11.06
C ARG B 218 -12.44 32.69 -9.70
N GLY B 219 -11.57 32.48 -8.73
CA GLY B 219 -11.84 32.81 -7.35
C GLY B 219 -11.26 34.13 -6.86
N LEU B 220 -10.46 34.81 -7.67
CA LEU B 220 -9.96 36.16 -7.30
C LEU B 220 -11.08 37.21 -7.40
N ARG B 221 -11.69 37.60 -6.27
CA ARG B 221 -12.82 38.55 -6.29
C ARG B 221 -12.42 40.04 -6.33
N ALA B 222 -11.26 40.39 -5.77
CA ALA B 222 -10.81 41.77 -5.64
C ALA B 222 -9.30 41.83 -5.38
N ALA B 223 -8.64 42.92 -5.77
CA ALA B 223 -7.20 43.01 -5.57
C ALA B 223 -6.68 44.43 -5.67
N TRP B 224 -5.73 44.76 -4.81
CA TRP B 224 -5.09 46.06 -4.78
C TRP B 224 -3.59 45.85 -4.75
N SER B 225 -2.85 46.78 -5.34
CA SER B 225 -1.41 46.78 -5.16
C SER B 225 -0.98 48.10 -4.58
N SER B 226 0.09 48.04 -3.78
CA SER B 226 0.76 49.20 -3.22
C SER B 226 2.25 48.87 -3.16
N GLY B 227 3.08 49.65 -3.84
CA GLY B 227 4.50 49.36 -3.93
C GLY B 227 4.66 48.07 -4.71
N GLU B 228 5.63 47.25 -4.31
CA GLU B 228 5.82 45.97 -4.97
C GLU B 228 4.81 44.88 -4.49
N ASP B 229 4.03 45.17 -3.45
CA ASP B 229 3.13 44.20 -2.80
C ASP B 229 1.70 44.11 -3.36
N ILE B 230 1.07 42.95 -3.22
CA ILE B 230 -0.31 42.77 -3.68
C ILE B 230 -1.19 42.19 -2.60
N TYR B 231 -2.45 42.64 -2.53
CA TYR B 231 -3.45 42.16 -1.57
C TYR B 231 -4.65 41.64 -2.33
N ALA B 232 -5.13 40.45 -1.99
CA ALA B 232 -6.18 39.81 -2.75
C ALA B 232 -7.26 39.21 -1.87
N ASP B 233 -8.53 39.43 -2.20
CA ASP B 233 -9.62 38.65 -1.63
C ASP B 233 -9.91 37.52 -2.60
N VAL B 234 -9.84 36.30 -2.10
CA VAL B 234 -10.16 35.12 -2.87
C VAL B 234 -11.25 34.30 -2.15
N GLU B 235 -12.02 33.55 -2.94
CA GLU B 235 -13.10 32.69 -2.48
C GLU B 235 -13.07 31.48 -3.39
N VAL B 236 -13.79 30.42 -3.07
CA VAL B 236 -13.92 29.33 -4.04
C VAL B 236 -15.03 29.63 -5.05
N GLY B 237 -14.67 29.69 -6.34
CA GLY B 237 -15.64 29.99 -7.39
C GLY B 237 -16.65 28.85 -7.53
N ALA B 238 -17.90 29.18 -7.83
CA ALA B 238 -18.93 28.16 -8.06
C ALA B 238 -18.91 27.04 -6.98
N PRO B 239 -19.12 27.41 -5.70
CA PRO B 239 -18.94 26.50 -4.55
C PRO B 239 -19.66 25.15 -4.68
N ALA B 240 -20.95 25.20 -4.96
CA ALA B 240 -21.76 24.00 -5.13
C ALA B 240 -21.24 23.04 -6.22
N SER B 241 -20.20 23.44 -6.97
CA SER B 241 -19.62 22.57 -7.99
C SER B 241 -18.24 21.98 -7.69
N SER B 242 -17.69 22.25 -6.50
CA SER B 242 -16.57 21.45 -5.96
C SER B 242 -16.89 20.92 -4.58
N PRO B 243 -15.98 20.11 -4.02
CA PRO B 243 -16.19 19.72 -2.65
C PRO B 243 -16.00 20.95 -1.76
N LYS B 244 -16.67 20.98 -0.61
CA LYS B 244 -16.61 22.16 0.25
C LYS B 244 -15.19 22.40 0.76
N PRO B 245 -14.83 23.67 0.94
CA PRO B 245 -13.47 24.03 1.36
C PRO B 245 -13.13 23.44 2.74
N GLU B 246 -14.16 23.25 3.56
CA GLU B 246 -14.04 22.60 4.86
C GLU B 246 -13.44 21.20 4.76
N ALA B 247 -13.65 20.54 3.64
CA ALA B 247 -13.21 19.18 3.49
C ALA B 247 -11.74 19.12 3.14
N PHE B 248 -11.12 20.28 2.86
CA PHE B 248 -9.72 20.31 2.49
C PHE B 248 -8.85 21.00 3.52
N HIS B 249 -7.56 20.66 3.50
CA HIS B 249 -6.61 21.47 4.28
C HIS B 249 -6.65 22.89 3.78
N VAL B 250 -6.40 23.08 2.47
CA VAL B 250 -6.70 24.32 1.75
C VAL B 250 -7.18 24.03 0.30
N HIS B 251 -8.42 24.40 0.01
CA HIS B 251 -9.10 24.12 -1.24
C HIS B 251 -8.16 24.61 -2.37
N PRO B 252 -7.75 23.70 -3.28
CA PRO B 252 -6.78 24.08 -4.32
C PRO B 252 -7.20 25.28 -5.16
N ALA B 253 -8.49 25.48 -5.41
CA ALA B 253 -9.01 26.65 -6.14
C ALA B 253 -8.78 27.96 -5.41
N LEU B 254 -8.86 27.89 -4.09
CA LEU B 254 -8.70 29.06 -3.26
C LEU B 254 -7.25 29.48 -3.32
N LEU B 255 -6.37 28.53 -3.09
CA LEU B 255 -4.96 28.83 -3.10
C LEU B 255 -4.52 29.24 -4.49
N ASP B 256 -5.01 28.56 -5.53
CA ASP B 256 -4.62 28.92 -6.91
C ASP B 256 -5.10 30.35 -7.29
N ALA B 257 -6.29 30.73 -6.85
CA ALA B 257 -6.79 32.07 -7.13
C ALA B 257 -5.88 33.14 -6.51
N ALA B 258 -5.32 32.79 -5.35
CA ALA B 258 -4.32 33.62 -4.71
C ALA B 258 -3.10 33.84 -5.56
N LEU B 259 -2.79 32.94 -6.48
CA LEU B 259 -1.68 33.14 -7.39
C LEU B 259 -2.08 33.87 -8.67
N HIS B 260 -3.37 33.91 -8.98
CA HIS B 260 -3.76 34.55 -10.21
C HIS B 260 -3.32 36.01 -10.14
N ALA B 261 -3.45 36.62 -8.97
CA ALA B 261 -3.01 37.99 -8.80
C ALA B 261 -1.54 38.13 -9.08
N ALA B 262 -0.73 37.20 -8.64
CA ALA B 262 0.72 37.32 -8.84
C ALA B 262 1.06 37.22 -10.33
N LEU B 263 0.23 36.55 -11.13
CA LEU B 263 0.42 36.51 -12.58
C LEU B 263 0.35 37.88 -13.26
N GLY B 264 -0.32 38.84 -12.65
CA GLY B 264 -0.53 40.14 -13.29
C GLY B 264 0.79 40.79 -13.64
N PRO B 265 1.56 41.16 -12.63
CA PRO B 265 2.81 41.83 -12.91
C PRO B 265 3.75 40.93 -13.69
N LEU B 266 3.80 39.65 -13.35
CA LEU B 266 4.75 38.76 -14.03
C LEU B 266 4.57 38.74 -15.55
N LEU B 267 3.32 38.72 -15.98
CA LEU B 267 3.05 38.43 -17.38
C LEU B 267 3.12 39.69 -18.25
N ASP B 268 3.66 40.77 -17.71
CA ASP B 268 3.85 41.95 -18.50
C ASP B 268 5.29 42.08 -19.03
N GLY B 269 6.28 41.78 -18.20
CA GLY B 269 7.67 41.69 -18.68
C GLY B 269 7.82 40.52 -19.60
N GLY B 272 5.00 34.12 -22.19
CA GLY B 272 4.04 33.04 -22.45
C GLY B 272 3.35 32.58 -21.17
N LEU B 273 3.34 31.29 -20.90
CA LEU B 273 2.53 30.75 -19.81
C LEU B 273 3.46 30.39 -18.68
N PHE B 274 3.02 30.59 -17.44
CA PHE B 274 3.85 30.49 -16.26
C PHE B 274 3.08 29.72 -15.21
N LEU B 275 3.65 28.63 -14.69
CA LEU B 275 3.05 27.81 -13.64
C LEU B 275 4.00 27.64 -12.46
N PRO B 276 3.44 27.29 -11.29
CA PRO B 276 4.30 27.03 -10.14
C PRO B 276 5.12 25.80 -10.39
N PHE B 277 6.38 25.86 -10.01
CA PHE B 277 7.27 24.77 -10.16
C PHE B 277 7.95 24.39 -8.83
N ALA B 278 8.08 25.33 -7.91
CA ALA B 278 8.77 25.02 -6.64
C ALA B 278 8.16 25.85 -5.52
N LEU B 279 7.92 25.20 -4.39
CA LEU B 279 7.39 25.87 -3.22
C LEU B 279 8.28 25.54 -2.03
N ARG B 280 8.44 26.48 -1.10
CA ARG B 280 9.27 26.30 0.10
C ARG B 280 8.57 26.85 1.32
N ARG B 281 8.59 26.07 2.40
CA ARG B 281 8.05 26.50 3.71
C ARG B 281 6.55 26.84 3.62
N VAL B 282 5.77 25.84 3.22
CA VAL B 282 4.32 25.93 3.28
C VAL B 282 3.85 25.42 4.64
N ARG B 283 3.18 26.27 5.41
CA ARG B 283 2.66 25.92 6.73
C ARG B 283 1.22 26.40 6.75
N VAL B 284 0.30 25.50 7.07
CA VAL B 284 -1.09 25.83 7.27
C VAL B 284 -1.33 25.89 8.76
N HIS B 285 -1.94 26.95 9.27
CA HIS B 285 -2.24 27.08 10.72
C HIS B 285 -3.68 26.67 11.10
N HIS B 286 -4.60 26.74 10.14
CA HIS B 286 -5.97 26.24 10.32
C HIS B 286 -6.50 25.71 9.00
N SER B 287 -7.04 24.52 9.04
CA SER B 287 -7.46 23.81 7.85
C SER B 287 -8.88 24.26 7.53
N GLY B 288 -9.37 24.05 6.31
CA GLY B 288 -10.77 24.33 6.02
C GLY B 288 -11.20 25.76 5.73
N ALA B 289 -10.30 26.72 5.56
CA ALA B 289 -10.77 28.11 5.27
C ALA B 289 -11.64 28.22 4.03
N LYS B 290 -12.70 29.03 4.10
CA LYS B 290 -13.61 29.18 2.95
C LYS B 290 -13.25 30.37 2.05
N SER B 291 -12.55 31.33 2.63
CA SER B 291 -12.03 32.48 1.87
C SER B 291 -10.81 33.06 2.55
N LEU B 292 -10.11 33.94 1.84
CA LEU B 292 -8.80 34.43 2.25
C LEU B 292 -8.51 35.89 1.82
N ARG B 293 -7.86 36.63 2.70
CA ARG B 293 -7.24 37.92 2.36
C ARG B 293 -5.74 37.64 2.33
N VAL B 294 -5.11 38.00 1.23
CA VAL B 294 -3.81 37.46 0.92
C VAL B 294 -2.80 38.54 0.67
N HIS B 295 -1.69 38.46 1.35
CA HIS B 295 -0.60 39.41 1.15
C HIS B 295 0.45 38.69 0.32
N ILE B 296 0.69 39.21 -0.87
CA ILE B 296 1.73 38.69 -1.75
C ILE B 296 2.91 39.67 -1.82
N THR B 297 4.13 39.19 -1.55
CA THR B 297 5.36 40.01 -1.71
C THR B 297 6.38 39.33 -2.61
N PRO B 298 7.13 40.11 -3.40
CA PRO B 298 8.13 39.50 -4.28
C PRO B 298 9.25 38.84 -3.48
N ASP B 299 9.93 37.88 -4.08
CA ASP B 299 10.93 37.08 -3.40
C ASP B 299 12.13 36.79 -4.29
N GLY B 300 12.43 37.70 -5.21
CA GLY B 300 13.36 37.43 -6.30
C GLY B 300 12.52 37.32 -7.54
N ASP B 301 13.15 37.09 -8.69
CA ASP B 301 12.41 37.18 -9.94
C ASP B 301 11.57 35.90 -10.20
N LYS B 302 10.31 36.12 -10.54
CA LYS B 302 9.31 35.09 -10.77
C LYS B 302 9.03 34.24 -9.53
N SER B 303 9.46 34.73 -8.36
CA SER B 303 9.11 34.11 -7.09
C SER B 303 8.38 35.11 -6.24
N VAL B 304 7.40 34.64 -5.50
CA VAL B 304 6.72 35.44 -4.53
C VAL B 304 6.60 34.67 -3.24
N SER B 305 6.31 35.39 -2.17
CA SER B 305 5.91 34.70 -0.98
C SER B 305 4.58 35.26 -0.56
N LEU B 306 3.88 34.51 0.27
CA LEU B 306 2.56 34.95 0.64
C LEU B 306 2.12 34.46 1.99
N SER B 307 1.09 35.14 2.46
CA SER B 307 0.64 35.07 3.81
C SER B 307 -0.85 35.32 3.74
N ALA B 308 -1.65 34.58 4.48
CA ALA B 308 -3.08 34.72 4.31
C ALA B 308 -3.87 34.49 5.56
N VAL B 309 -4.80 35.39 5.82
CA VAL B 309 -5.68 35.27 6.95
C VAL B 309 -7.07 34.96 6.37
N ASP B 310 -7.99 34.51 7.20
CA ASP B 310 -9.39 34.27 6.78
C ASP B 310 -10.19 35.55 7.03
N ALA B 311 -11.50 35.52 6.79
CA ALA B 311 -12.33 36.75 6.83
C ALA B 311 -12.37 37.38 8.21
N ALA B 312 -12.06 36.62 9.25
CA ALA B 312 -12.00 37.14 10.62
C ALA B 312 -10.60 37.59 11.07
N GLY B 313 -9.58 37.48 10.21
CA GLY B 313 -8.21 37.84 10.59
C GLY B 313 -7.37 36.74 11.22
N ASN B 314 -7.92 35.53 11.38
CA ASN B 314 -7.09 34.41 11.81
C ASN B 314 -6.11 34.06 10.71
N ALA B 315 -4.86 33.83 11.08
CA ALA B 315 -3.84 33.35 10.15
C ALA B 315 -4.20 31.95 9.64
N VAL B 316 -4.17 31.73 8.33
CA VAL B 316 -4.55 30.44 7.77
C VAL B 316 -3.38 29.72 7.15
N VAL B 317 -2.71 30.38 6.22
CA VAL B 317 -1.59 29.76 5.56
C VAL B 317 -0.55 30.77 5.16
N SER B 318 0.70 30.33 5.19
CA SER B 318 1.81 31.12 4.71
C SER B 318 2.74 30.25 3.89
N VAL B 319 3.42 30.88 2.95
CA VAL B 319 4.27 30.20 1.99
C VAL B 319 5.58 30.96 1.95
N GLY B 320 6.66 30.31 2.39
CA GLY B 320 7.99 30.92 2.33
C GLY B 320 8.29 31.41 0.92
N SER B 321 8.03 30.58 -0.07
CA SER B 321 8.38 30.98 -1.42
C SER B 321 7.60 30.16 -2.44
N VAL B 322 7.15 30.79 -3.52
CA VAL B 322 6.59 30.11 -4.68
C VAL B 322 7.31 30.59 -5.91
N ALA B 323 7.95 29.70 -6.65
CA ALA B 323 8.66 30.05 -7.90
C ALA B 323 7.82 29.64 -9.09
N LEU B 324 7.67 30.51 -10.09
CA LEU B 324 6.96 30.16 -11.34
C LEU B 324 7.91 30.05 -12.52
N ARG B 325 7.52 29.22 -13.49
CA ARG B 325 8.34 29.02 -14.69
C ARG B 325 7.51 28.94 -15.95
N PRO B 326 8.12 29.25 -17.10
CA PRO B 326 7.41 29.15 -18.36
C PRO B 326 7.00 27.71 -18.66
N VAL B 327 5.85 27.52 -19.27
CA VAL B 327 5.44 26.24 -19.82
C VAL B 327 4.90 26.44 -21.23
N SER B 328 5.29 25.57 -22.14
CA SER B 328 4.89 25.69 -23.53
C SER B 328 3.78 24.66 -23.75
N SER B 329 2.83 25.02 -24.61
CA SER B 329 1.76 24.09 -25.00
C SER B 329 2.27 22.80 -25.61
N ALA B 330 3.43 22.84 -26.22
CA ALA B 330 4.10 21.64 -26.66
C ALA B 330 4.56 20.70 -25.51
N GLN B 331 5.08 21.25 -24.42
CA GLN B 331 5.41 20.39 -23.26
C GLN B 331 4.14 19.69 -22.76
N LEU B 332 3.05 20.44 -22.67
CA LEU B 332 1.78 19.89 -22.26
C LEU B 332 1.27 18.81 -23.19
N ALA B 333 1.35 19.00 -24.48
CA ALA B 333 0.96 17.93 -25.40
C ALA B 333 1.81 16.65 -25.16
N ALA B 334 3.07 16.83 -24.80
CA ALA B 334 3.97 15.72 -24.60
C ALA B 334 3.51 14.91 -23.38
N ALA B 335 3.15 15.62 -22.30
CA ALA B 335 2.66 14.99 -21.08
C ALA B 335 1.35 14.22 -21.33
N ALA B 336 0.44 14.82 -22.08
CA ALA B 336 -0.74 14.08 -22.57
C ALA B 336 -0.23 12.97 -23.42
#